data_6YOJ
#
_entry.id   6YOJ
#
_cell.length_a   42.525
_cell.length_b   48.396
_cell.length_c   129.325
_cell.angle_alpha   90.000
_cell.angle_beta   90.000
_cell.angle_gamma   90.000
#
_symmetry.space_group_name_H-M   'P 21 21 21'
#
loop_
_entity.id
_entity.type
_entity.pdbx_description
1 polymer 'Focal adhesion kinase 1'
2 non-polymer 6-[[4-[(3-methylsulfonylphenyl)methylamino]-5-(trifluoromethyl)pyrimidin-2-yl]amino]-3,4-dihydro-1~{H}-quinolin-2-one
3 water water
#
_entity_poly.entity_id   1
_entity_poly.type   'polypeptide(L)'
_entity_poly.pdbx_seq_one_letter_code
;GSGSTRDYEIQRERIELGRCIGEGQFGDVHQGIYMSPENPALAVAIKTCKNCTSDSVREKFLQEALTMRQFDHPHIVKLI
GVITENPVWIIMELCTLGELRSFLQVRKYSLDLASLILYAYQLSTALAYLESKRFVHRDIAARNVLVSSNDCVKLGDFGL
SRYMEDSTYYKASKGKLPIKWMAPESINFRRFTSASDVWMFGVCMWEILMHGVKPFQGVKNNDVIGRIENGERLPMPPNC
PPTLYSLMTKCWAYDPSRRPRFTELKAQLSTILEEEKAQQEE
;
_entity_poly.pdbx_strand_id   A
#
loop_
_chem_comp.id
_chem_comp.type
_chem_comp.name
_chem_comp.formula
P4N non-polymer 6-[[4-[(3-methylsulfonylphenyl)methylamino]-5-(trifluoromethyl)pyrimidin-2-yl]amino]-3,4-dihydro-1~{H}-quinolin-2-one 'C22 H20 F3 N5 O3 S'
#
# COMPACT_ATOMS: atom_id res chain seq x y z
N ASP A 7 12.37 -23.87 -1.69
CA ASP A 7 10.96 -24.20 -1.85
C ASP A 7 10.11 -23.52 -0.77
N TYR A 8 8.90 -23.11 -1.16
CA TYR A 8 8.01 -22.45 -0.20
C TYR A 8 6.63 -23.06 -0.12
N GLU A 9 6.52 -24.35 -0.42
CA GLU A 9 5.28 -25.09 -0.24
C GLU A 9 5.20 -25.34 1.28
N ILE A 10 4.08 -24.97 1.89
CA ILE A 10 3.85 -25.14 3.32
C ILE A 10 2.91 -26.29 3.57
N GLN A 11 3.17 -27.11 4.60
N GLN A 11 3.14 -27.05 4.63
CA GLN A 11 2.28 -28.24 4.90
CA GLN A 11 2.30 -28.18 5.00
C GLN A 11 1.02 -27.69 5.56
C GLN A 11 1.01 -27.65 5.59
N ARG A 12 -0.15 -28.05 5.03
CA ARG A 12 -1.43 -27.53 5.53
C ARG A 12 -1.68 -27.67 7.02
N GLU A 13 -1.24 -28.78 7.61
N GLU A 13 -1.27 -28.81 7.64
CA GLU A 13 -1.44 -29.00 9.03
CA GLU A 13 -1.50 -28.97 9.07
C GLU A 13 -0.70 -28.02 9.93
C GLU A 13 -0.72 -27.98 9.95
N ARG A 14 0.26 -27.27 9.37
CA ARG A 14 1.01 -26.27 10.11
C ARG A 14 0.30 -24.91 10.07
N ILE A 15 -0.88 -24.80 9.42
CA ILE A 15 -1.61 -23.54 9.38
C ILE A 15 -2.92 -23.69 10.13
N GLU A 16 -3.23 -22.73 11.00
CA GLU A 16 -4.50 -22.66 11.68
C GLU A 16 -5.20 -21.41 11.16
N LEU A 17 -6.34 -21.58 10.50
CA LEU A 17 -7.13 -20.47 9.95
C LEU A 17 -7.89 -19.79 11.08
N GLY A 18 -7.79 -18.48 11.13
CA GLY A 18 -8.43 -17.62 12.12
C GLY A 18 -9.54 -16.78 11.52
N ARG A 19 -9.81 -15.62 12.11
N ARG A 19 -9.77 -15.61 12.09
CA ARG A 19 -10.91 -14.79 11.63
CA ARG A 19 -10.85 -14.75 11.64
C ARG A 19 -10.62 -14.09 10.33
C ARG A 19 -10.60 -14.08 10.31
N CYS A 20 -11.68 -13.76 9.59
CA CYS A 20 -11.59 -13.08 8.30
C CYS A 20 -11.20 -11.63 8.55
N ILE A 21 -10.20 -11.16 7.83
CA ILE A 21 -9.69 -9.79 7.95
C ILE A 21 -9.82 -8.97 6.67
N GLY A 22 -10.42 -9.57 5.64
CA GLY A 22 -10.65 -8.86 4.38
C GLY A 22 -11.09 -9.81 3.29
N GLU A 23 -11.41 -9.24 2.15
CA GLU A 23 -11.77 -10.06 1.00
C GLU A 23 -10.85 -9.70 -0.14
N GLY A 24 -10.72 -10.65 -1.04
CA GLY A 24 -9.97 -10.45 -2.25
C GLY A 24 -10.79 -10.91 -3.43
N GLN A 25 -10.28 -10.68 -4.62
CA GLN A 25 -10.93 -11.13 -5.85
C GLN A 25 -11.19 -12.62 -5.85
N PHE A 26 -10.30 -13.40 -5.21
CA PHE A 26 -10.42 -14.85 -5.24
C PHE A 26 -11.08 -15.48 -4.03
N GLY A 27 -11.23 -14.72 -2.96
CA GLY A 27 -11.85 -15.25 -1.76
C GLY A 27 -11.44 -14.49 -0.51
N ASP A 28 -11.97 -14.93 0.63
CA ASP A 28 -11.69 -14.28 1.89
C ASP A 28 -10.22 -14.41 2.28
N VAL A 29 -9.77 -13.44 3.06
CA VAL A 29 -8.43 -13.40 3.62
C VAL A 29 -8.59 -13.56 5.11
N HIS A 30 -7.80 -14.41 5.72
CA HIS A 30 -7.91 -14.64 7.16
C HIS A 30 -6.63 -14.33 7.88
N GLN A 31 -6.72 -14.00 9.16
CA GLN A 31 -5.56 -13.98 10.02
C GLN A 31 -5.41 -15.46 10.45
N GLY A 32 -4.20 -15.88 10.79
CA GLY A 32 -3.99 -17.23 11.26
C GLY A 32 -2.63 -17.42 11.89
N ILE A 33 -2.30 -18.70 12.16
CA ILE A 33 -1.03 -19.02 12.79
C ILE A 33 -0.30 -20.06 11.96
N TYR A 34 1.01 -19.90 11.80
CA TYR A 34 1.84 -20.86 11.11
C TYR A 34 2.83 -21.40 12.13
N MET A 35 2.90 -22.73 12.26
CA MET A 35 3.86 -23.42 13.12
C MET A 35 4.90 -24.06 12.26
N SER A 36 6.04 -23.39 12.03
CA SER A 36 7.09 -23.96 11.19
C SER A 36 7.82 -25.06 11.97
N PRO A 37 8.50 -26.01 11.29
CA PRO A 37 9.14 -27.10 12.05
C PRO A 37 10.11 -26.71 13.15
N GLU A 38 10.80 -25.60 12.99
CA GLU A 38 11.82 -25.20 13.97
C GLU A 38 11.41 -24.08 14.91
N ASN A 39 10.28 -23.40 14.65
CA ASN A 39 9.95 -22.20 15.41
C ASN A 39 8.65 -22.20 16.28
N PRO A 40 8.58 -21.25 17.24
CA PRO A 40 7.31 -20.99 17.90
C PRO A 40 6.35 -20.33 16.87
N ALA A 41 5.10 -20.11 17.29
CA ALA A 41 4.03 -19.54 16.47
C ALA A 41 4.39 -18.26 15.72
N LEU A 42 3.95 -18.18 14.46
CA LEU A 42 4.14 -17.00 13.66
C LEU A 42 2.76 -16.60 13.15
N ALA A 43 2.36 -15.36 13.42
CA ALA A 43 1.08 -14.85 12.96
C ALA A 43 1.22 -14.59 11.46
N VAL A 44 0.24 -15.05 10.71
CA VAL A 44 0.25 -14.89 9.25
C VAL A 44 -1.11 -14.43 8.71
N ALA A 45 -1.14 -13.98 7.45
CA ALA A 45 -2.38 -13.70 6.74
C ALA A 45 -2.50 -14.80 5.67
N ILE A 46 -3.69 -15.30 5.48
CA ILE A 46 -3.92 -16.39 4.56
C ILE A 46 -4.89 -15.95 3.50
N LYS A 47 -4.44 -15.87 2.26
CA LYS A 47 -5.35 -15.56 1.16
C LYS A 47 -5.93 -16.89 0.68
N THR A 48 -7.25 -16.96 0.59
CA THR A 48 -7.91 -18.19 0.12
C THR A 48 -8.47 -18.00 -1.29
N CYS A 49 -8.82 -19.11 -1.97
CA CYS A 49 -9.25 -19.06 -3.34
C CYS A 49 -10.40 -20.05 -3.60
N LYS A 50 -11.60 -19.53 -3.77
CA LYS A 50 -12.79 -20.36 -3.94
C LYS A 50 -12.78 -21.21 -5.20
N ASN A 51 -12.35 -20.65 -6.34
CA ASN A 51 -12.43 -21.36 -7.61
C ASN A 51 -11.11 -21.93 -8.10
N CYS A 52 -10.15 -22.17 -7.20
CA CYS A 52 -8.84 -22.62 -7.63
C CYS A 52 -8.82 -24.10 -8.07
N THR A 53 -9.98 -24.77 -8.09
CA THR A 53 -10.10 -26.08 -8.74
C THR A 53 -9.93 -25.90 -10.29
N SER A 54 -10.20 -24.69 -10.81
N SER A 54 -10.21 -24.69 -10.81
CA SER A 54 -10.04 -24.37 -12.23
CA SER A 54 -10.02 -24.35 -12.21
C SER A 54 -8.59 -23.98 -12.44
C SER A 54 -8.54 -24.03 -12.37
N ASP A 55 -7.90 -24.64 -13.38
CA ASP A 55 -6.48 -24.36 -13.64
C ASP A 55 -6.15 -22.91 -13.96
N SER A 56 -7.03 -22.19 -14.69
CA SER A 56 -6.70 -20.78 -15.00
C SER A 56 -6.82 -19.90 -13.78
N VAL A 57 -7.77 -20.21 -12.86
CA VAL A 57 -7.92 -19.43 -11.64
C VAL A 57 -6.71 -19.70 -10.73
N ARG A 58 -6.32 -21.00 -10.61
CA ARG A 58 -5.15 -21.34 -9.79
C ARG A 58 -3.89 -20.63 -10.28
N GLU A 59 -3.71 -20.56 -11.60
CA GLU A 59 -2.53 -19.91 -12.16
C GLU A 59 -2.52 -18.45 -11.84
N LYS A 60 -3.67 -17.76 -12.03
CA LYS A 60 -3.71 -16.32 -11.76
C LYS A 60 -3.51 -16.03 -10.26
N PHE A 61 -4.15 -16.83 -9.40
CA PHE A 61 -4.03 -16.63 -7.97
C PHE A 61 -2.59 -16.89 -7.50
N LEU A 62 -1.96 -18.00 -7.94
CA LEU A 62 -0.59 -18.28 -7.51
C LEU A 62 0.41 -17.30 -8.11
N GLN A 63 0.10 -16.70 -9.27
CA GLN A 63 0.97 -15.66 -9.82
C GLN A 63 0.99 -14.45 -8.87
N GLU A 64 -0.05 -14.24 -8.03
CA GLU A 64 0.01 -13.14 -7.06
C GLU A 64 1.10 -13.41 -6.03
N ALA A 65 1.32 -14.68 -5.67
CA ALA A 65 2.38 -15.03 -4.73
C ALA A 65 3.73 -14.86 -5.41
N LEU A 66 3.87 -15.27 -6.68
CA LEU A 66 5.12 -15.11 -7.41
C LEU A 66 5.47 -13.63 -7.55
N THR A 67 4.45 -12.77 -7.78
CA THR A 67 4.68 -11.32 -7.86
C THR A 67 5.31 -10.80 -6.54
N MET A 68 4.79 -11.22 -5.37
CA MET A 68 5.37 -10.72 -4.11
C MET A 68 6.72 -11.32 -3.84
N ARG A 69 6.94 -12.58 -4.24
CA ARG A 69 8.20 -13.30 -4.00
C ARG A 69 9.40 -12.62 -4.67
N GLN A 70 9.16 -11.86 -5.75
CA GLN A 70 10.26 -11.21 -6.44
C GLN A 70 10.80 -9.98 -5.73
N PHE A 71 10.10 -9.50 -4.69
CA PHE A 71 10.51 -8.31 -3.97
C PHE A 71 11.01 -8.65 -2.59
N ASP A 72 11.99 -7.90 -2.11
CA ASP A 72 12.55 -8.13 -0.78
C ASP A 72 12.90 -6.77 -0.23
N HIS A 73 11.97 -6.22 0.55
CA HIS A 73 12.16 -4.88 1.11
C HIS A 73 11.48 -4.80 2.46
N PRO A 74 12.07 -4.11 3.45
CA PRO A 74 11.43 -4.05 4.77
C PRO A 74 10.08 -3.37 4.81
N HIS A 75 9.71 -2.62 3.73
CA HIS A 75 8.44 -1.91 3.77
C HIS A 75 7.48 -2.40 2.68
N ILE A 76 7.64 -3.68 2.28
CA ILE A 76 6.69 -4.35 1.40
C ILE A 76 6.38 -5.69 2.04
N VAL A 77 5.09 -6.07 2.17
N VAL A 77 5.09 -6.03 2.24
CA VAL A 77 4.77 -7.37 2.77
CA VAL A 77 4.72 -7.30 2.87
C VAL A 77 5.41 -8.53 2.07
C VAL A 77 5.30 -8.51 2.11
N LYS A 78 5.82 -9.50 2.88
CA LYS A 78 6.49 -10.67 2.32
C LYS A 78 5.64 -11.90 2.19
N LEU A 79 5.99 -12.72 1.20
CA LEU A 79 5.37 -14.03 1.01
C LEU A 79 6.09 -14.98 2.00
N ILE A 80 5.30 -15.77 2.75
CA ILE A 80 5.85 -16.83 3.61
C ILE A 80 5.86 -18.15 2.84
N GLY A 81 4.75 -18.47 2.19
CA GLY A 81 4.68 -19.71 1.43
C GLY A 81 3.36 -19.89 0.75
N VAL A 82 3.17 -21.04 0.08
CA VAL A 82 1.94 -21.35 -0.60
C VAL A 82 1.52 -22.79 -0.32
N ILE A 83 0.24 -23.11 -0.53
CA ILE A 83 -0.28 -24.48 -0.47
C ILE A 83 -0.97 -24.63 -1.81
N THR A 84 -0.38 -25.39 -2.76
CA THR A 84 -0.82 -25.35 -4.15
C THR A 84 -1.88 -26.36 -4.58
N GLU A 85 -2.32 -27.23 -3.68
CA GLU A 85 -3.44 -28.12 -4.00
C GLU A 85 -4.69 -27.63 -3.30
N ASN A 86 -5.87 -27.91 -3.86
N ASN A 86 -5.88 -27.87 -3.89
CA ASN A 86 -7.13 -27.45 -3.31
CA ASN A 86 -7.15 -27.39 -3.34
C ASN A 86 -7.37 -27.90 -1.89
C ASN A 86 -7.41 -27.88 -1.93
N PRO A 87 -7.81 -26.97 -1.02
CA PRO A 87 -8.01 -25.52 -1.22
C PRO A 87 -6.68 -24.76 -1.28
N VAL A 88 -6.45 -24.04 -2.39
CA VAL A 88 -5.22 -23.29 -2.61
C VAL A 88 -5.10 -22.06 -1.73
N TRP A 89 -3.99 -21.94 -0.99
CA TRP A 89 -3.77 -20.81 -0.08
C TRP A 89 -2.46 -20.12 -0.34
N ILE A 90 -2.41 -18.80 -0.09
CA ILE A 90 -1.17 -18.06 -0.11
C ILE A 90 -0.96 -17.55 1.32
N ILE A 91 0.19 -17.84 1.91
CA ILE A 91 0.53 -17.48 3.28
C ILE A 91 1.44 -16.28 3.23
N MET A 92 0.98 -15.14 3.77
CA MET A 92 1.76 -13.91 3.78
C MET A 92 2.11 -13.53 5.21
N GLU A 93 3.09 -12.63 5.33
CA GLU A 93 3.43 -12.04 6.61
C GLU A 93 2.20 -11.26 7.11
N LEU A 94 1.93 -11.28 8.43
CA LEU A 94 0.81 -10.53 8.97
C LEU A 94 1.32 -9.23 9.53
N CYS A 95 0.76 -8.11 9.07
CA CYS A 95 1.07 -6.81 9.65
C CYS A 95 0.00 -6.72 10.75
N THR A 96 0.41 -6.98 12.01
CA THR A 96 -0.55 -7.19 13.09
C THR A 96 -1.47 -6.02 13.39
N LEU A 97 -1.02 -4.80 13.15
CA LEU A 97 -1.86 -3.64 13.51
C LEU A 97 -2.86 -3.23 12.45
N GLY A 98 -2.87 -3.94 11.33
CA GLY A 98 -3.93 -3.79 10.36
C GLY A 98 -3.87 -2.65 9.40
N GLU A 99 -5.05 -2.20 8.96
N GLU A 99 -5.05 -2.20 8.96
CA GLU A 99 -5.19 -1.17 7.96
CA GLU A 99 -5.19 -1.17 7.96
C GLU A 99 -4.66 0.18 8.43
C GLU A 99 -4.70 0.19 8.40
N LEU A 100 -3.92 0.86 7.56
CA LEU A 100 -3.39 2.18 7.90
C LEU A 100 -4.48 3.20 8.14
N ARG A 101 -5.54 3.19 7.30
CA ARG A 101 -6.58 4.23 7.50
C ARG A 101 -7.21 4.17 8.88
N SER A 102 -7.68 3.00 9.31
N SER A 102 -7.66 2.98 9.30
CA SER A 102 -8.29 2.88 10.64
CA SER A 102 -8.26 2.83 10.63
C SER A 102 -7.27 3.08 11.74
C SER A 102 -7.25 3.14 11.71
N PHE A 103 -6.00 2.69 11.52
CA PHE A 103 -4.92 2.93 12.51
C PHE A 103 -4.76 4.42 12.77
N LEU A 104 -4.76 5.22 11.68
CA LEU A 104 -4.57 6.67 11.83
C LEU A 104 -5.84 7.30 12.42
N GLN A 105 -7.01 6.81 12.04
CA GLN A 105 -8.26 7.39 12.54
C GLN A 105 -8.37 7.24 14.06
N VAL A 106 -8.07 6.04 14.55
CA VAL A 106 -8.15 5.76 15.99
C VAL A 106 -7.11 6.56 16.75
N ARG A 107 -5.93 6.75 16.17
CA ARG A 107 -4.82 7.43 16.83
C ARG A 107 -4.63 8.86 16.40
N LYS A 108 -5.69 9.50 15.92
CA LYS A 108 -5.60 10.90 15.48
C LYS A 108 -4.97 11.86 16.50
N TYR A 109 -5.28 11.67 17.78
CA TYR A 109 -4.77 12.57 18.83
C TYR A 109 -3.62 11.97 19.64
N SER A 110 -3.11 10.82 19.22
CA SER A 110 -2.04 10.17 19.97
C SER A 110 -0.76 9.97 19.17
N LEU A 111 -0.80 10.11 17.84
CA LEU A 111 0.38 9.96 17.02
C LEU A 111 1.03 11.30 16.82
N ASP A 112 2.34 11.38 17.02
CA ASP A 112 3.09 12.58 16.78
C ASP A 112 3.16 12.81 15.27
N LEU A 113 3.32 14.06 14.86
CA LEU A 113 3.51 14.42 13.47
C LEU A 113 4.76 13.74 12.90
N ALA A 114 5.80 13.54 13.72
CA ALA A 114 7.01 12.83 13.26
C ALA A 114 6.68 11.41 12.83
N SER A 115 5.71 10.74 13.51
CA SER A 115 5.34 9.38 13.09
C SER A 115 4.67 9.41 11.73
N LEU A 116 3.78 10.38 11.49
CA LEU A 116 3.12 10.47 10.19
C LEU A 116 4.14 10.67 9.07
N ILE A 117 5.14 11.55 9.32
CA ILE A 117 6.16 11.80 8.31
C ILE A 117 7.04 10.56 8.14
N LEU A 118 7.32 9.83 9.25
CA LEU A 118 8.07 8.58 9.15
C LEU A 118 7.34 7.58 8.23
N TYR A 119 6.00 7.49 8.34
CA TYR A 119 5.27 6.53 7.49
C TYR A 119 5.42 6.90 6.02
N ALA A 120 5.35 8.22 5.71
CA ALA A 120 5.52 8.64 4.32
C ALA A 120 6.93 8.32 3.84
N TYR A 121 7.94 8.54 4.71
CA TYR A 121 9.32 8.26 4.35
C TYR A 121 9.50 6.76 4.06
N GLN A 122 8.93 5.92 4.94
CA GLN A 122 9.08 4.46 4.76
C GLN A 122 8.48 4.00 3.46
N LEU A 123 7.30 4.52 3.13
CA LEU A 123 6.67 4.14 1.86
C LEU A 123 7.49 4.65 0.69
N SER A 124 8.10 5.85 0.82
CA SER A 124 8.94 6.34 -0.29
C SER A 124 10.14 5.42 -0.51
N THR A 125 10.67 4.77 0.54
CA THR A 125 11.80 3.84 0.34
C THR A 125 11.35 2.62 -0.43
N ALA A 126 10.15 2.10 -0.09
CA ALA A 126 9.63 0.93 -0.81
C ALA A 126 9.38 1.28 -2.28
N LEU A 127 8.88 2.49 -2.53
CA LEU A 127 8.55 2.90 -3.89
C LEU A 127 9.78 3.23 -4.70
N ALA A 128 10.82 3.77 -4.07
CA ALA A 128 12.11 3.97 -4.76
C ALA A 128 12.69 2.59 -5.14
N TYR A 129 12.52 1.59 -4.23
CA TYR A 129 13.01 0.25 -4.52
C TYR A 129 12.24 -0.32 -5.73
N LEU A 130 10.89 -0.20 -5.73
CA LEU A 130 10.11 -0.71 -6.86
C LEU A 130 10.47 -0.01 -8.16
N GLU A 131 10.71 1.32 -8.11
N GLU A 131 10.72 1.30 -8.11
CA GLU A 131 11.10 2.04 -9.33
CA GLU A 131 11.11 2.04 -9.31
C GLU A 131 12.48 1.58 -9.83
C GLU A 131 12.44 1.48 -9.85
N SER A 132 13.36 1.11 -8.94
CA SER A 132 14.68 0.55 -9.35
C SER A 132 14.53 -0.81 -10.06
N LYS A 133 13.44 -1.53 -9.77
CA LYS A 133 13.11 -2.80 -10.38
C LYS A 133 12.19 -2.63 -11.61
N ARG A 134 11.89 -1.36 -12.02
CA ARG A 134 11.01 -0.99 -13.14
C ARG A 134 9.60 -1.51 -12.95
N PHE A 135 9.13 -1.54 -11.69
CA PHE A 135 7.81 -2.04 -11.39
C PHE A 135 6.88 -0.86 -11.15
N VAL A 136 5.78 -0.79 -11.90
CA VAL A 136 4.78 0.26 -11.76
C VAL A 136 3.60 -0.33 -11.03
N HIS A 137 3.34 0.25 -9.85
CA HIS A 137 2.35 -0.28 -8.92
C HIS A 137 0.90 -0.05 -9.32
N ARG A 138 0.53 1.20 -9.69
CA ARG A 138 -0.81 1.60 -10.14
C ARG A 138 -1.86 1.75 -9.07
N ASP A 139 -1.59 1.34 -7.81
CA ASP A 139 -2.64 1.35 -6.79
C ASP A 139 -2.12 1.82 -5.44
N ILE A 140 -1.36 2.90 -5.45
CA ILE A 140 -0.83 3.48 -4.23
C ILE A 140 -1.92 4.34 -3.61
N ALA A 141 -2.32 3.98 -2.39
CA ALA A 141 -3.39 4.64 -1.64
C ALA A 141 -3.29 4.16 -0.21
N ALA A 142 -3.78 4.98 0.75
CA ALA A 142 -3.68 4.56 2.16
C ALA A 142 -4.42 3.26 2.42
N ARG A 143 -5.51 2.96 1.64
CA ARG A 143 -6.21 1.69 1.84
C ARG A 143 -5.36 0.48 1.51
N ASN A 144 -4.21 0.68 0.84
CA ASN A 144 -3.36 -0.44 0.45
C ASN A 144 -2.05 -0.43 1.22
N VAL A 145 -2.04 0.19 2.40
CA VAL A 145 -0.91 0.21 3.29
C VAL A 145 -1.30 -0.44 4.60
N LEU A 146 -0.41 -1.28 5.13
CA LEU A 146 -0.67 -1.99 6.37
C LEU A 146 0.33 -1.55 7.44
N VAL A 147 -0.01 -1.80 8.69
CA VAL A 147 0.80 -1.35 9.82
C VAL A 147 1.37 -2.55 10.57
N SER A 148 2.69 -2.67 10.58
N SER A 148 2.68 -2.68 10.60
CA SER A 148 3.41 -3.75 11.24
CA SER A 148 3.33 -3.77 11.33
C SER A 148 3.70 -3.42 12.71
C SER A 148 3.54 -3.40 12.77
N SER A 149 3.93 -2.15 13.02
CA SER A 149 4.15 -1.68 14.38
C SER A 149 3.91 -0.19 14.39
N ASN A 150 3.92 0.43 15.58
CA ASN A 150 3.75 1.88 15.61
C ASN A 150 4.87 2.64 14.85
N ASP A 151 6.01 1.98 14.60
N ASP A 151 6.01 2.00 14.58
CA ASP A 151 7.16 2.56 13.90
CA ASP A 151 7.05 2.70 13.81
C ASP A 151 7.43 1.87 12.57
C ASP A 151 7.35 2.03 12.48
N CYS A 152 6.41 1.23 11.96
CA CYS A 152 6.63 0.53 10.71
C CYS A 152 5.36 0.29 9.89
N VAL A 153 5.29 0.87 8.70
CA VAL A 153 4.22 0.56 7.76
C VAL A 153 4.79 -0.15 6.55
N LYS A 154 3.91 -0.88 5.82
CA LYS A 154 4.37 -1.59 4.63
C LYS A 154 3.33 -1.47 3.54
N LEU A 155 3.78 -1.46 2.27
CA LEU A 155 2.85 -1.61 1.17
C LEU A 155 2.22 -3.02 1.30
N GLY A 156 0.91 -3.09 1.10
CA GLY A 156 0.19 -4.34 1.22
C GLY A 156 0.38 -5.24 0.04
N ASP A 157 -0.34 -6.37 0.05
CA ASP A 157 -0.23 -7.35 -1.02
C ASP A 157 -0.68 -6.69 -2.34
N PHE A 158 0.04 -6.94 -3.42
CA PHE A 158 -0.26 -6.28 -4.66
C PHE A 158 -1.55 -6.78 -5.28
N GLY A 159 -1.85 -8.07 -5.13
CA GLY A 159 -3.14 -8.59 -5.60
C GLY A 159 -4.31 -7.96 -4.85
N LEU A 160 -4.24 -7.95 -3.53
CA LEU A 160 -5.32 -7.34 -2.73
C LEU A 160 -5.44 -5.84 -2.92
N SER A 161 -4.37 -5.19 -3.37
CA SER A 161 -4.39 -3.75 -3.61
C SER A 161 -5.14 -3.39 -4.87
N ARG A 162 -5.32 -4.34 -5.81
CA ARG A 162 -6.05 -4.12 -7.06
C ARG A 162 -7.52 -3.99 -6.76
N LEU A 177 -11.94 1.82 -10.91
CA LEU A 177 -10.63 2.46 -10.86
C LEU A 177 -10.54 3.46 -9.71
N PRO A 178 -9.36 3.65 -9.14
CA PRO A 178 -9.24 4.62 -8.03
C PRO A 178 -9.02 6.04 -8.56
N ILE A 179 -10.04 6.57 -9.25
CA ILE A 179 -9.94 7.89 -9.88
C ILE A 179 -9.39 8.99 -8.99
N LYS A 180 -9.89 9.06 -7.73
CA LYS A 180 -9.46 10.11 -6.81
C LYS A 180 -8.00 10.09 -6.41
N TRP A 181 -7.29 9.00 -6.75
CA TRP A 181 -5.86 8.87 -6.47
C TRP A 181 -5.00 8.98 -7.71
N MET A 182 -5.62 8.96 -8.93
CA MET A 182 -4.89 8.80 -10.17
C MET A 182 -4.42 10.06 -10.85
N ALA A 183 -3.26 9.93 -11.52
CA ALA A 183 -2.73 11.03 -12.30
C ALA A 183 -3.66 11.23 -13.52
N PRO A 184 -3.72 12.46 -14.01
CA PRO A 184 -4.59 12.75 -15.17
C PRO A 184 -4.27 11.87 -16.38
N GLU A 185 -2.96 11.63 -16.67
CA GLU A 185 -2.60 10.83 -17.83
C GLU A 185 -3.01 9.35 -17.66
N SER A 186 -3.14 8.87 -16.41
CA SER A 186 -3.61 7.51 -16.19
C SER A 186 -5.12 7.45 -16.38
N ILE A 187 -5.85 8.45 -15.87
CA ILE A 187 -7.30 8.46 -16.02
C ILE A 187 -7.70 8.59 -17.49
N ASN A 188 -7.08 9.55 -18.16
CA ASN A 188 -7.49 9.92 -19.49
C ASN A 188 -6.87 9.13 -20.60
N PHE A 189 -5.61 8.72 -20.44
CA PHE A 189 -4.92 8.04 -21.53
C PHE A 189 -4.38 6.64 -21.18
N ARG A 190 -4.74 6.12 -20.01
CA ARG A 190 -4.28 4.80 -19.53
C ARG A 190 -2.77 4.68 -19.52
N ARG A 191 -2.06 5.80 -19.26
CA ARG A 191 -0.62 5.79 -19.17
C ARG A 191 -0.24 5.61 -17.71
N PHE A 192 0.53 4.55 -17.41
CA PHE A 192 0.95 4.20 -16.05
C PHE A 192 2.45 4.09 -16.04
N THR A 193 3.09 4.98 -15.30
CA THR A 193 4.54 5.06 -15.25
C THR A 193 4.96 5.29 -13.79
N SER A 194 6.27 5.37 -13.51
N SER A 194 6.27 5.38 -13.50
CA SER A 194 6.73 5.71 -12.18
CA SER A 194 6.71 5.72 -12.15
C SER A 194 6.25 7.13 -11.80
C SER A 194 6.24 7.14 -11.79
N ALA A 195 6.14 8.05 -12.78
CA ALA A 195 5.64 9.40 -12.51
C ALA A 195 4.17 9.38 -12.13
N SER A 196 3.36 8.48 -12.72
CA SER A 196 1.96 8.39 -12.28
C SER A 196 1.85 7.75 -10.89
N ASP A 197 2.80 6.85 -10.54
CA ASP A 197 2.86 6.32 -9.17
C ASP A 197 3.22 7.46 -8.19
N VAL A 198 4.09 8.42 -8.64
CA VAL A 198 4.44 9.56 -7.78
C VAL A 198 3.23 10.40 -7.46
N TRP A 199 2.36 10.64 -8.46
CA TRP A 199 1.10 11.38 -8.20
C TRP A 199 0.25 10.66 -7.13
N MET A 200 0.10 9.33 -7.26
CA MET A 200 -0.66 8.56 -6.28
C MET A 200 -0.03 8.63 -4.92
N PHE A 201 1.31 8.57 -4.86
CA PHE A 201 2.00 8.65 -3.59
C PHE A 201 1.76 10.02 -2.93
N GLY A 202 1.70 11.08 -3.71
CA GLY A 202 1.36 12.39 -3.14
C GLY A 202 0.00 12.36 -2.46
N VAL A 203 -0.97 11.68 -3.12
CA VAL A 203 -2.29 11.53 -2.51
C VAL A 203 -2.22 10.69 -1.25
N CYS A 204 -1.45 9.60 -1.27
CA CYS A 204 -1.30 8.78 -0.08
C CYS A 204 -0.67 9.60 1.08
N MET A 205 0.33 10.46 0.76
CA MET A 205 0.92 11.30 1.81
C MET A 205 -0.13 12.25 2.40
N TRP A 206 -0.97 12.81 1.57
CA TRP A 206 -2.05 13.68 2.02
C TRP A 206 -2.99 12.91 2.96
N GLU A 207 -3.37 11.67 2.57
CA GLU A 207 -4.24 10.85 3.42
C GLU A 207 -3.61 10.62 4.78
N ILE A 208 -2.28 10.35 4.82
CA ILE A 208 -1.59 10.12 6.08
C ILE A 208 -1.62 11.37 6.95
N LEU A 209 -1.30 12.52 6.34
CA LEU A 209 -1.26 13.77 7.11
C LEU A 209 -2.68 14.23 7.56
N MET A 210 -3.73 13.71 6.87
CA MET A 210 -5.12 13.95 7.24
C MET A 210 -5.66 12.88 8.19
N HIS A 211 -4.78 11.98 8.72
CA HIS A 211 -5.25 10.98 9.67
C HIS A 211 -6.27 10.03 9.09
N GLY A 212 -6.08 9.66 7.82
CA GLY A 212 -6.91 8.63 7.23
C GLY A 212 -8.19 9.09 6.58
N VAL A 213 -8.31 10.38 6.29
CA VAL A 213 -9.43 10.90 5.52
C VAL A 213 -9.10 10.61 4.05
N LYS A 214 -10.13 10.28 3.24
N LYS A 214 -10.13 10.27 3.24
CA LYS A 214 -9.91 10.00 1.83
CA LYS A 214 -9.91 10.00 1.83
C LYS A 214 -9.91 11.28 1.02
C LYS A 214 -9.91 11.28 1.02
N PRO A 215 -9.23 11.29 -0.14
CA PRO A 215 -9.29 12.47 -1.00
C PRO A 215 -10.69 12.67 -1.56
N PHE A 216 -11.08 13.94 -1.70
CA PHE A 216 -12.32 14.31 -2.39
C PHE A 216 -13.54 13.60 -1.86
N GLN A 217 -13.69 13.58 -0.52
CA GLN A 217 -14.85 12.91 0.08
C GLN A 217 -16.16 13.53 -0.40
N GLY A 218 -17.10 12.67 -0.80
CA GLY A 218 -18.41 13.13 -1.25
C GLY A 218 -18.50 13.46 -2.72
N VAL A 219 -17.35 13.78 -3.35
CA VAL A 219 -17.35 14.26 -4.74
C VAL A 219 -17.47 13.11 -5.72
N LYS A 220 -18.27 13.29 -6.79
CA LYS A 220 -18.36 12.26 -7.82
C LYS A 220 -17.05 12.21 -8.64
N ASN A 221 -16.62 11.00 -9.02
CA ASN A 221 -15.40 10.80 -9.81
C ASN A 221 -15.31 11.70 -11.04
N ASN A 222 -16.40 11.83 -11.84
CA ASN A 222 -16.37 12.67 -13.04
C ASN A 222 -16.08 14.13 -12.72
N ASP A 223 -16.57 14.61 -11.57
N ASP A 223 -16.57 14.61 -11.57
CA ASP A 223 -16.29 15.99 -11.18
CA ASP A 223 -16.33 15.99 -11.14
C ASP A 223 -14.83 16.14 -10.77
C ASP A 223 -14.86 16.16 -10.74
N VAL A 224 -14.28 15.15 -10.05
CA VAL A 224 -12.86 15.20 -9.67
C VAL A 224 -11.96 15.32 -10.92
N ILE A 225 -12.26 14.56 -11.97
CA ILE A 225 -11.46 14.64 -13.20
C ILE A 225 -11.35 16.08 -13.77
N GLY A 226 -12.49 16.75 -13.86
CA GLY A 226 -12.50 18.13 -14.35
C GLY A 226 -11.83 19.10 -13.40
N ARG A 227 -12.02 18.90 -12.09
N ARG A 227 -12.03 18.90 -12.09
CA ARG A 227 -11.43 19.77 -11.08
CA ARG A 227 -11.42 19.79 -11.11
C ARG A 227 -9.90 19.69 -11.13
C ARG A 227 -9.90 19.69 -11.10
N ILE A 228 -9.36 18.48 -11.18
CA ILE A 228 -7.90 18.30 -11.23
C ILE A 228 -7.37 18.84 -12.55
N GLU A 229 -8.09 18.64 -13.66
CA GLU A 229 -7.64 19.14 -14.96
C GLU A 229 -7.46 20.66 -14.92
N ASN A 230 -8.36 21.34 -14.18
CA ASN A 230 -8.35 22.78 -14.07
C ASN A 230 -7.50 23.35 -12.91
N GLY A 231 -6.69 22.52 -12.30
CA GLY A 231 -5.72 23.01 -11.34
C GLY A 231 -6.08 22.86 -9.89
N GLU A 232 -7.30 22.39 -9.57
CA GLU A 232 -7.66 22.20 -8.15
C GLU A 232 -6.80 21.08 -7.58
N ARG A 233 -6.34 21.27 -6.34
CA ARG A 233 -5.58 20.24 -5.65
C ARG A 233 -6.15 20.07 -4.25
N LEU A 234 -5.80 18.94 -3.63
CA LEU A 234 -6.15 18.67 -2.23
C LEU A 234 -5.48 19.76 -1.35
N PRO A 235 -6.19 20.28 -0.36
CA PRO A 235 -5.66 21.41 0.42
C PRO A 235 -4.63 21.02 1.44
N MET A 236 -3.94 21.99 2.03
CA MET A 236 -2.96 21.69 3.06
C MET A 236 -3.63 21.11 4.29
N PRO A 237 -3.24 19.89 4.70
CA PRO A 237 -3.82 19.32 5.92
C PRO A 237 -3.48 20.16 7.13
N PRO A 238 -4.38 20.27 8.10
CA PRO A 238 -4.05 20.99 9.35
C PRO A 238 -2.78 20.41 9.99
N ASN A 239 -1.87 21.29 10.40
CA ASN A 239 -0.61 20.92 11.06
C ASN A 239 0.44 20.32 10.12
N CYS A 240 0.18 20.23 8.81
CA CYS A 240 1.16 19.69 7.89
C CYS A 240 2.26 20.72 7.74
N PRO A 241 3.54 20.35 7.87
CA PRO A 241 4.61 21.33 7.64
C PRO A 241 4.50 21.90 6.21
N PRO A 242 4.57 23.22 6.03
CA PRO A 242 4.47 23.77 4.67
C PRO A 242 5.45 23.16 3.66
N THR A 243 6.67 22.80 4.08
CA THR A 243 7.63 22.16 3.17
C THR A 243 7.08 20.82 2.65
N LEU A 244 6.38 20.08 3.52
CA LEU A 244 5.83 18.78 3.12
C LEU A 244 4.63 18.99 2.19
N TYR A 245 3.81 20.03 2.42
CA TYR A 245 2.70 20.30 1.51
C TYR A 245 3.24 20.73 0.14
N SER A 246 4.34 21.52 0.12
N SER A 246 4.33 21.51 0.12
CA SER A 246 4.99 21.92 -1.13
CA SER A 246 4.96 21.91 -1.13
C SER A 246 5.45 20.70 -1.91
C SER A 246 5.43 20.68 -1.92
N LEU A 247 6.01 19.70 -1.20
CA LEU A 247 6.45 18.47 -1.85
C LEU A 247 5.26 17.68 -2.41
N MET A 248 4.12 17.60 -1.67
CA MET A 248 2.92 16.93 -2.21
C MET A 248 2.49 17.63 -3.51
N THR A 249 2.50 18.99 -3.54
CA THR A 249 2.05 19.69 -4.75
C THR A 249 2.94 19.40 -5.94
N LYS A 250 4.24 19.13 -5.70
CA LYS A 250 5.13 18.77 -6.82
C LYS A 250 4.81 17.39 -7.36
N CYS A 251 4.34 16.48 -6.48
CA CYS A 251 3.88 15.16 -6.94
C CYS A 251 2.68 15.31 -7.87
N TRP A 252 1.90 16.40 -7.69
CA TRP A 252 0.71 16.62 -8.49
C TRP A 252 0.92 17.60 -9.63
N ALA A 253 2.16 17.67 -10.15
CA ALA A 253 2.39 18.47 -11.34
C ALA A 253 1.60 17.84 -12.49
N TYR A 254 0.89 18.67 -13.26
CA TYR A 254 0.12 18.14 -14.38
C TYR A 254 1.06 17.46 -15.39
N ASP A 255 2.18 18.11 -15.67
CA ASP A 255 3.21 17.54 -16.55
C ASP A 255 3.97 16.47 -15.74
N PRO A 256 3.88 15.19 -16.14
CA PRO A 256 4.57 14.13 -15.37
C PRO A 256 6.08 14.30 -15.26
N SER A 257 6.71 14.94 -16.27
N SER A 257 6.69 14.96 -16.26
CA SER A 257 8.16 15.15 -16.22
CA SER A 257 8.14 15.18 -16.24
C SER A 257 8.59 16.10 -15.09
C SER A 257 8.60 16.20 -15.20
N ARG A 258 7.66 16.94 -14.58
CA ARG A 258 8.00 17.90 -13.54
C ARG A 258 7.83 17.29 -12.13
N ARG A 259 7.33 16.06 -12.00
CA ARG A 259 7.16 15.44 -10.69
C ARG A 259 8.51 14.93 -10.23
N PRO A 260 8.77 14.94 -8.92
CA PRO A 260 10.03 14.36 -8.42
C PRO A 260 10.09 12.86 -8.63
N ARG A 261 11.30 12.31 -8.63
CA ARG A 261 11.48 10.86 -8.66
C ARG A 261 11.37 10.36 -7.21
N PHE A 262 11.08 9.05 -7.03
CA PHE A 262 11.00 8.50 -5.68
C PHE A 262 12.29 8.67 -4.87
N THR A 263 13.50 8.61 -5.49
CA THR A 263 14.74 8.83 -4.70
C THR A 263 14.83 10.28 -4.19
N GLU A 264 14.27 11.23 -4.95
CA GLU A 264 14.24 12.63 -4.53
C GLU A 264 13.24 12.79 -3.38
N LEU A 265 12.08 12.13 -3.46
CA LEU A 265 11.10 12.17 -2.39
C LEU A 265 11.66 11.56 -1.13
N LYS A 266 12.36 10.44 -1.23
CA LYS A 266 12.98 9.78 -0.08
C LYS A 266 13.94 10.74 0.64
N ALA A 267 14.85 11.40 -0.15
CA ALA A 267 15.81 12.31 0.47
C ALA A 267 15.13 13.52 1.10
N GLN A 268 14.13 14.07 0.42
CA GLN A 268 13.42 15.26 0.94
C GLN A 268 12.57 14.94 2.16
N LEU A 269 11.93 13.76 2.18
CA LEU A 269 11.15 13.35 3.33
C LEU A 269 12.07 13.10 4.52
N SER A 270 13.29 12.57 4.30
CA SER A 270 14.22 12.37 5.42
C SER A 270 14.58 13.73 6.05
N THR A 271 14.78 14.74 5.22
CA THR A 271 15.11 16.08 5.71
C THR A 271 13.94 16.64 6.54
N ILE A 272 12.71 16.48 6.01
CA ILE A 272 11.51 16.98 6.71
C ILE A 272 11.27 16.22 8.02
N LEU A 273 11.53 14.93 8.05
CA LEU A 273 11.38 14.12 9.24
C LEU A 273 12.36 14.57 10.30
N GLU A 274 13.62 14.77 9.92
CA GLU A 274 14.63 15.20 10.89
C GLU A 274 14.32 16.56 11.48
N GLU A 275 13.86 17.49 10.65
CA GLU A 275 13.47 18.83 11.08
C GLU A 275 12.33 18.77 12.10
N GLU A 276 11.31 17.92 11.85
CA GLU A 276 10.21 17.78 12.79
C GLU A 276 10.64 17.18 14.12
N LYS A 277 11.53 16.20 14.09
CA LYS A 277 12.02 15.59 15.31
C LYS A 277 12.79 16.61 16.15
N ALA A 278 13.53 17.52 15.49
CA ALA A 278 14.30 18.58 16.14
C ALA A 278 13.43 19.69 16.75
N GLN A 279 12.15 19.79 16.33
CA GLN A 279 11.26 20.81 16.87
C GLN A 279 10.66 20.31 18.19
C1 P4N B . -6.83 -4.85 4.20
C2 P4N B . -5.94 -4.34 3.26
C3 P4N B . -4.93 -5.15 2.76
C10 P4N B . -4.81 -4.07 0.18
C11 P4N B . -5.67 -8.45 4.48
C13 P4N B . -3.30 -8.74 5.11
C15 P4N B . -2.64 -7.97 7.18
C19 P4N B . -1.57 -9.52 3.45
N23 P4N B . -2.95 -7.36 8.39
C24 P4N B . -4.25 -7.14 8.86
C27 P4N B . -5.26 -6.59 8.07
C30 P4N B . -5.91 -7.24 12.27
C31 P4N B . -6.89 -6.17 12.76
C32 P4N B . -8.10 -6.08 11.85
C4 P4N B . -4.83 -6.48 3.13
C5 P4N B . -5.73 -6.99 4.06
C6 P4N B . -6.73 -6.18 4.57
S7 P4N B . -3.79 -4.53 1.60
O8 P4N B . -3.22 -3.33 2.18
O9 P4N B . -2.96 -5.62 1.27
N12 P4N B . -4.32 -8.99 4.22
N14 P4N B . -3.60 -8.18 6.29
N16 P4N B . -1.36 -8.27 6.95
C17 P4N B . -0.98 -8.78 5.78
C18 P4N B . -1.96 -9.01 4.82
F20 P4N B . -2.22 -10.69 3.09
F21 P4N B . -1.85 -8.56 2.50
F22 P4N B . -0.20 -9.70 3.40
C25 P4N B . -4.44 -7.32 10.24
C26 P4N B . -6.52 -6.30 8.63
C28 P4N B . -6.71 -6.50 9.98
C29 P4N B . -5.69 -7.04 10.79
N33 P4N B . -7.97 -6.22 10.53
O34 P4N B . -9.22 -5.84 12.29
#